data_2GCN
#
_entry.id   2GCN
#
_cell.length_a   44.214
_cell.length_b   56.617
_cell.length_c   81.834
_cell.angle_alpha   90.00
_cell.angle_beta   90.00
_cell.angle_gamma   90.00
#
_symmetry.space_group_name_H-M   'P 21 21 21'
#
loop_
_entity.id
_entity.type
_entity.pdbx_description
1 polymer 'Rho-related GTP-binding protein RhoC'
2 non-polymer 'MAGNESIUM ION'
3 non-polymer "GUANOSINE-5'-DIPHOSPHATE"
4 non-polymer 1,2-ETHANEDIOL
5 water water
#
_entity_poly.entity_id   1
_entity_poly.type   'polypeptide(L)'
_entity_poly.pdbx_seq_one_letter_code
;MGSSHHHHHHSSGLVPRGSHMAAIRKKLVIVGDGACGKTCLLIVFSKDQFPEVYVPTVFENYIADIEVDGKQVELALWDT
AGQEDYDRLRPLSYPDTDVILMCFSIDSPDSLENIPEKWTPEVKHFCPNVPIILVGNKKDLRQDEHTRRELAKMKQEPVR
SEEGRDMANRISAFGYLECSAKTKEGVREVFEMATRAGLQV
;
_entity_poly.pdbx_strand_id   A
#
loop_
_chem_comp.id
_chem_comp.type
_chem_comp.name
_chem_comp.formula
EDO non-polymer 1,2-ETHANEDIOL 'C2 H6 O2'
GDP RNA linking GUANOSINE-5'-DIPHOSPHATE 'C10 H15 N5 O11 P2'
MG non-polymer 'MAGNESIUM ION' 'Mg 2'
#
# COMPACT_ATOMS: atom_id res chain seq x y z
N ALA A 23 -10.44 9.35 -21.19
CA ALA A 23 -9.71 8.72 -20.03
C ALA A 23 -10.71 8.15 -19.03
N ILE A 24 -10.34 7.00 -18.46
CA ILE A 24 -11.19 6.30 -17.50
C ILE A 24 -10.85 6.86 -16.11
N ARG A 25 -11.85 7.06 -15.27
CA ARG A 25 -11.59 7.67 -13.97
C ARG A 25 -11.78 6.64 -12.87
N LYS A 26 -10.76 6.48 -12.03
CA LYS A 26 -10.81 5.51 -10.93
C LYS A 26 -10.32 6.12 -9.60
N LYS A 27 -10.96 5.67 -8.51
CA LYS A 27 -10.61 6.14 -7.19
C LYS A 27 -9.84 5.03 -6.50
N LEU A 28 -8.65 5.38 -6.04
CA LEU A 28 -7.75 4.46 -5.34
C LEU A 28 -7.60 4.93 -3.89
N VAL A 29 -7.73 3.99 -2.97
CA VAL A 29 -7.54 4.28 -1.54
C VAL A 29 -6.42 3.41 -1.00
N ILE A 30 -5.46 4.06 -0.35
CA ILE A 30 -4.33 3.32 0.24
C ILE A 30 -4.47 3.28 1.77
N VAL A 31 -4.31 2.09 2.33
CA VAL A 31 -4.44 1.91 3.78
C VAL A 31 -3.40 0.93 4.27
N GLY A 32 -3.25 0.87 5.58
CA GLY A 32 -2.25 0.02 6.21
C GLY A 32 -1.60 0.72 7.41
N ASP A 33 -0.81 -0.04 8.16
CA ASP A 33 -0.25 0.44 9.43
C ASP A 33 0.54 1.73 9.25
N GLY A 34 0.47 2.56 10.28
CA GLY A 34 1.30 3.76 10.38
C GLY A 34 2.76 3.46 10.09
N ALA A 35 3.37 4.34 9.29
CA ALA A 35 4.79 4.30 8.94
C ALA A 35 5.22 3.15 8.03
N CYS A 36 4.27 2.42 7.45
CA CYS A 36 4.60 1.32 6.53
CA CYS A 36 4.64 1.34 6.54
C CYS A 36 5.02 1.81 5.15
N GLY A 37 4.91 3.13 4.92
CA GLY A 37 5.39 3.78 3.70
C GLY A 37 4.33 4.15 2.68
N LYS A 38 3.07 4.28 3.12
CA LYS A 38 1.97 4.62 2.20
C LYS A 38 2.18 5.96 1.47
N THR A 39 2.46 7.00 2.23
CA THR A 39 2.60 8.36 1.66
C THR A 39 3.79 8.42 0.71
N CYS A 40 4.88 7.81 1.12
CA CYS A 40 6.10 7.81 0.30
C CYS A 40 5.86 7.05 -1.00
N LEU A 41 5.04 5.99 -0.95
CA LEU A 41 4.72 5.24 -2.15
C LEU A 41 3.93 6.14 -3.15
N LEU A 42 2.91 6.83 -2.65
CA LEU A 42 2.14 7.77 -3.46
C LEU A 42 3.03 8.83 -4.05
N ILE A 43 3.94 9.38 -3.22
CA ILE A 43 4.80 10.46 -3.67
C ILE A 43 5.75 10.03 -4.79
N VAL A 44 6.44 8.92 -4.57
CA VAL A 44 7.37 8.39 -5.58
C VAL A 44 6.64 8.09 -6.90
N PHE A 45 5.44 7.50 -6.83
CA PHE A 45 4.68 7.25 -8.06
C PHE A 45 4.30 8.57 -8.77
N SER A 46 3.82 9.54 -7.99
CA SER A 46 3.33 10.81 -8.53
C SER A 46 4.43 11.74 -8.98
N LYS A 47 5.53 11.77 -8.22
CA LYS A 47 6.55 12.80 -8.41
C LYS A 47 7.87 12.21 -8.93
N ASP A 48 7.94 10.88 -8.99
CA ASP A 48 9.15 10.19 -9.44
C ASP A 48 10.40 10.62 -8.63
N GLN A 49 10.19 10.84 -7.33
CA GLN A 49 11.28 11.18 -6.40
C GLN A 49 10.88 10.78 -4.98
N PHE A 50 11.76 10.01 -4.34
CA PHE A 50 11.60 9.64 -2.93
C PHE A 50 11.82 10.86 -2.03
N PRO A 51 10.84 11.18 -1.17
CA PRO A 51 10.96 12.44 -0.39
C PRO A 51 12.01 12.39 0.72
N GLU A 52 13.10 13.15 0.55
CA GLU A 52 14.18 13.31 1.56
C GLU A 52 13.68 14.03 2.81
N VAL A 53 12.94 15.13 2.71
CA VAL A 53 13.33 16.47 3.14
C VAL A 53 12.06 16.60 4.03
N TYR A 54 10.91 16.33 3.43
CA TYR A 54 9.61 16.42 4.14
C TYR A 54 8.65 15.33 3.70
N VAL A 55 7.97 14.69 4.65
CA VAL A 55 6.90 13.74 4.31
C VAL A 55 5.63 14.13 5.10
N PRO A 56 4.56 14.49 4.39
CA PRO A 56 3.31 14.81 5.12
C PRO A 56 2.66 13.54 5.68
N THR A 57 1.77 13.69 6.65
CA THR A 57 1.05 12.53 7.19
C THR A 57 0.25 11.88 6.05
N VAL A 58 -0.38 12.71 5.24
CA VAL A 58 -1.05 12.24 4.02
C VAL A 58 -0.66 13.13 2.87
N PHE A 59 -0.51 12.50 1.69
CA PHE A 59 -0.15 13.17 0.48
C PHE A 59 -1.25 14.15 0.08
N GLU A 60 -0.85 15.27 -0.54
CA GLU A 60 -1.81 16.23 -1.09
C GLU A 60 -2.80 15.52 -2.00
N ASN A 61 -3.99 16.12 -2.14
CA ASN A 61 -4.99 15.68 -3.11
C ASN A 61 -4.32 15.58 -4.46
N TYR A 62 -4.46 14.43 -5.12
CA TYR A 62 -3.67 14.18 -6.34
C TYR A 62 -4.39 13.24 -7.27
N ILE A 63 -4.33 13.54 -8.56
CA ILE A 63 -4.78 12.62 -9.60
C ILE A 63 -3.63 12.25 -10.52
N ALA A 64 -3.31 10.97 -10.58
CA ALA A 64 -2.20 10.48 -11.38
C ALA A 64 -2.73 9.97 -12.73
N ASP A 65 -1.91 10.14 -13.76
CA ASP A 65 -2.21 9.61 -15.06
C ASP A 65 -1.38 8.39 -15.30
N ILE A 66 -2.04 7.34 -15.79
CA ILE A 66 -1.36 6.11 -16.13
C ILE A 66 -1.93 5.51 -17.40
N GLU A 67 -1.06 4.99 -18.26
CA GLU A 67 -1.51 4.20 -19.37
C GLU A 67 -1.28 2.71 -19.11
N VAL A 68 -2.34 1.94 -19.25
CA VAL A 68 -2.34 0.51 -18.96
C VAL A 68 -3.12 -0.21 -20.07
N ASP A 69 -2.46 -1.16 -20.73
CA ASP A 69 -3.07 -1.97 -21.78
C ASP A 69 -3.71 -1.07 -22.84
N GLY A 70 -2.98 -0.03 -23.23
CA GLY A 70 -3.44 0.94 -24.22
C GLY A 70 -4.65 1.77 -23.82
N LYS A 71 -4.98 1.79 -22.53
CA LYS A 71 -6.04 2.66 -22.00
C LYS A 71 -5.45 3.76 -21.14
N GLN A 72 -5.94 4.98 -21.36
CA GLN A 72 -5.58 6.13 -20.54
C GLN A 72 -6.54 6.14 -19.35
N VAL A 73 -5.98 6.21 -18.14
CA VAL A 73 -6.81 6.24 -16.93
C VAL A 73 -6.27 7.22 -15.92
N GLU A 74 -7.20 7.86 -15.22
CA GLU A 74 -6.86 8.83 -14.20
C GLU A 74 -7.16 8.23 -12.83
N LEU A 75 -6.13 8.21 -11.98
CA LEU A 75 -6.19 7.59 -10.65
C LEU A 75 -6.21 8.63 -9.56
N ALA A 76 -7.37 8.83 -8.93
CA ALA A 76 -7.42 9.70 -7.77
C ALA A 76 -6.73 8.96 -6.62
N LEU A 77 -5.71 9.59 -6.04
CA LEU A 77 -4.95 8.91 -4.98
C LEU A 77 -5.39 9.39 -3.61
N TRP A 78 -6.16 8.55 -2.92
CA TRP A 78 -6.66 8.86 -1.59
C TRP A 78 -5.76 8.25 -0.51
N ASP A 79 -4.93 9.09 0.09
CA ASP A 79 -4.08 8.67 1.18
C ASP A 79 -4.89 8.66 2.47
N THR A 80 -4.52 7.74 3.38
CA THR A 80 -5.16 7.68 4.69
C THR A 80 -4.12 7.49 5.78
N ALA A 81 -4.53 7.69 7.02
CA ALA A 81 -3.61 7.50 8.13
C ALA A 81 -4.30 7.09 9.43
N GLY A 82 -3.54 7.04 10.53
CA GLY A 82 -4.08 6.48 11.76
C GLY A 82 -3.88 7.23 13.07
N GLN A 83 -3.23 8.39 13.03
CA GLN A 83 -2.85 9.11 14.27
C GLN A 83 -3.86 10.09 14.88
N GLU A 84 -4.93 9.54 15.46
CA GLU A 84 -5.81 10.31 16.32
C GLU A 84 -7.07 10.84 15.63
N ASP A 85 -6.88 11.66 14.60
CA ASP A 85 -7.99 12.26 13.85
CA ASP A 85 -8.03 12.18 13.87
C ASP A 85 -8.15 11.59 12.47
N TYR A 86 -7.03 11.25 11.84
CA TYR A 86 -7.07 10.60 10.53
C TYR A 86 -7.77 9.26 10.57
N ASP A 87 -7.64 8.53 11.69
CA ASP A 87 -8.36 7.26 11.85
C ASP A 87 -9.89 7.40 11.77
N ARG A 88 -10.44 8.44 12.37
CA ARG A 88 -11.87 8.67 12.27
C ARG A 88 -12.24 9.17 10.87
N LEU A 89 -11.33 9.92 10.25
CA LEU A 89 -11.56 10.37 8.87
C LEU A 89 -11.51 9.23 7.88
N ARG A 90 -10.77 8.17 8.24
CA ARG A 90 -10.49 7.09 7.30
C ARG A 90 -11.74 6.42 6.70
N PRO A 91 -12.65 5.87 7.54
CA PRO A 91 -13.89 5.24 7.03
C PRO A 91 -14.75 6.12 6.11
N LEU A 92 -14.75 7.43 6.34
CA LEU A 92 -15.42 8.41 5.46
C LEU A 92 -14.84 8.46 4.02
N SER A 93 -13.66 7.88 3.83
CA SER A 93 -12.96 7.88 2.54
C SER A 93 -13.28 6.70 1.61
N TYR A 94 -13.94 5.68 2.14
CA TYR A 94 -14.21 4.47 1.39
C TYR A 94 -15.31 4.50 0.29
N PRO A 95 -16.35 5.34 0.48
CA PRO A 95 -17.40 5.38 -0.55
C PRO A 95 -16.88 5.50 -1.99
N ASP A 96 -17.39 4.63 -2.87
CA ASP A 96 -17.09 4.68 -4.32
C ASP A 96 -15.62 4.42 -4.68
N THR A 97 -14.89 3.77 -3.78
CA THR A 97 -13.52 3.34 -4.09
C THR A 97 -13.58 2.27 -5.19
N ASP A 98 -12.66 2.37 -6.16
CA ASP A 98 -12.52 1.40 -7.23
C ASP A 98 -11.43 0.37 -6.98
N VAL A 99 -10.40 0.73 -6.21
CA VAL A 99 -9.32 -0.22 -5.89
C VAL A 99 -8.64 0.22 -4.59
N ILE A 100 -8.21 -0.76 -3.82
CA ILE A 100 -7.55 -0.52 -2.54
C ILE A 100 -6.11 -0.99 -2.69
N LEU A 101 -5.18 -0.14 -2.27
CA LEU A 101 -3.85 -0.62 -1.94
C LEU A 101 -3.80 -0.87 -0.42
N MET A 102 -3.58 -2.11 -0.06
CA MET A 102 -3.48 -2.51 1.32
C MET A 102 -2.04 -2.87 1.63
N CYS A 103 -1.38 -2.00 2.41
CA CYS A 103 0.05 -2.08 2.59
C CYS A 103 0.46 -2.64 3.94
N PHE A 104 1.60 -3.32 3.91
CA PHE A 104 2.39 -3.60 5.10
C PHE A 104 3.84 -3.29 4.72
N SER A 105 4.74 -3.31 5.70
CA SER A 105 6.15 -3.10 5.45
C SER A 105 6.89 -4.42 5.61
N ILE A 106 7.77 -4.72 4.65
CA ILE A 106 8.58 -5.91 4.68
C ILE A 106 9.53 -5.97 5.90
N ASP A 107 9.85 -4.79 6.45
CA ASP A 107 10.66 -4.73 7.68
C ASP A 107 9.83 -4.86 8.97
N SER A 108 8.54 -5.13 8.82
CA SER A 108 7.63 -5.22 9.96
C SER A 108 6.64 -6.39 9.83
N PRO A 109 7.05 -7.59 10.30
CA PRO A 109 6.15 -8.74 10.44
C PRO A 109 4.83 -8.37 11.10
N ASP A 110 4.86 -7.51 12.12
CA ASP A 110 3.67 -6.93 12.81
C ASP A 110 2.63 -6.37 11.83
N SER A 111 3.12 -5.55 10.90
CA SER A 111 2.28 -4.88 9.91
C SER A 111 1.62 -5.91 8.99
N LEU A 112 2.32 -7.01 8.72
CA LEU A 112 1.72 -8.09 7.95
C LEU A 112 0.56 -8.76 8.71
N GLU A 113 0.78 -8.98 10.01
CA GLU A 113 -0.22 -9.66 10.85
C GLU A 113 -1.45 -8.81 11.00
N ASN A 114 -1.28 -7.49 10.94
CA ASN A 114 -2.42 -6.57 10.97
C ASN A 114 -3.28 -6.61 9.70
N ILE A 115 -2.78 -7.20 8.64
CA ILE A 115 -3.53 -7.32 7.38
C ILE A 115 -4.85 -8.13 7.58
N PRO A 116 -4.78 -9.37 8.05
CA PRO A 116 -6.02 -10.11 8.32
C PRO A 116 -6.75 -9.67 9.60
N GLU A 117 -6.02 -9.11 10.57
CA GLU A 117 -6.61 -8.76 11.87
C GLU A 117 -7.34 -7.42 11.84
N LYS A 118 -6.81 -6.45 11.09
CA LYS A 118 -7.40 -5.12 11.12
C LYS A 118 -7.86 -4.61 9.75
N TRP A 119 -6.96 -4.64 8.78
CA TRP A 119 -7.21 -3.98 7.50
C TRP A 119 -8.25 -4.70 6.66
N THR A 120 -8.21 -6.02 6.65
CA THR A 120 -9.10 -6.78 5.78
C THR A 120 -10.54 -6.69 6.32
N PRO A 121 -10.72 -6.91 7.65
CA PRO A 121 -12.09 -6.69 8.17
C PRO A 121 -12.63 -5.28 7.91
N GLU A 122 -11.80 -4.25 8.07
CA GLU A 122 -12.27 -2.89 7.81
C GLU A 122 -12.65 -2.68 6.34
N VAL A 123 -11.74 -3.05 5.45
CA VAL A 123 -11.94 -2.84 4.01
C VAL A 123 -13.11 -3.66 3.49
N LYS A 124 -13.18 -4.92 3.91
CA LYS A 124 -14.29 -5.78 3.49
C LYS A 124 -15.65 -5.22 3.97
N HIS A 125 -15.64 -4.58 5.14
CA HIS A 125 -16.85 -3.97 5.68
C HIS A 125 -17.30 -2.75 4.85
N PHE A 126 -16.38 -1.81 4.62
CA PHE A 126 -16.69 -0.56 3.92
C PHE A 126 -16.67 -0.65 2.38
N CYS A 127 -15.92 -1.60 1.85
CA CYS A 127 -15.73 -1.71 0.40
C CYS A 127 -16.00 -3.13 -0.09
N PRO A 128 -17.25 -3.63 0.08
CA PRO A 128 -17.45 -4.96 -0.45
C PRO A 128 -17.31 -4.89 -1.98
N ASN A 129 -16.69 -5.95 -2.49
CA ASN A 129 -16.48 -6.22 -3.92
C ASN A 129 -15.35 -5.41 -4.56
N VAL A 130 -14.73 -4.56 -3.76
CA VAL A 130 -13.62 -3.73 -4.23
C VAL A 130 -12.30 -4.52 -4.20
N PRO A 131 -11.59 -4.57 -5.34
CA PRO A 131 -10.38 -5.38 -5.38
C PRO A 131 -9.26 -4.76 -4.56
N ILE A 132 -8.51 -5.63 -3.90
CA ILE A 132 -7.36 -5.23 -3.07
C ILE A 132 -6.05 -5.69 -3.70
N ILE A 133 -5.10 -4.77 -3.80
CA ILE A 133 -3.72 -5.15 -4.12
C ILE A 133 -3.00 -5.18 -2.78
N LEU A 134 -2.52 -6.36 -2.39
CA LEU A 134 -1.72 -6.45 -1.16
C LEU A 134 -0.32 -6.01 -1.53
N VAL A 135 0.16 -4.99 -0.84
CA VAL A 135 1.46 -4.37 -1.18
C VAL A 135 2.47 -4.51 -0.04
N GLY A 136 3.62 -5.12 -0.33
CA GLY A 136 4.71 -5.20 0.66
C GLY A 136 5.67 -4.08 0.34
N ASN A 137 5.65 -3.04 1.17
CA ASN A 137 6.54 -1.88 1.06
C ASN A 137 7.95 -2.11 1.62
N LYS A 138 8.85 -1.17 1.32
CA LYS A 138 10.23 -1.15 1.83
C LYS A 138 11.02 -2.45 1.54
N LYS A 139 10.89 -2.96 0.33
CA LYS A 139 11.50 -4.20 -0.08
C LYS A 139 13.03 -4.11 0.00
N ASP A 140 13.53 -2.87 -0.10
CA ASP A 140 14.95 -2.56 0.06
C ASP A 140 15.51 -2.96 1.45
N LEU A 141 14.63 -3.13 2.43
CA LEU A 141 15.07 -3.55 3.78
C LEU A 141 15.12 -5.08 4.01
N ARG A 142 14.71 -5.86 3.01
CA ARG A 142 14.75 -7.32 3.22
C ARG A 142 16.16 -7.83 3.49
N GLN A 143 17.14 -7.32 2.73
CA GLN A 143 18.51 -7.71 2.97
C GLN A 143 19.31 -6.66 3.76
N ASP A 144 18.62 -5.73 4.42
CA ASP A 144 19.30 -4.68 5.16
C ASP A 144 19.83 -5.24 6.48
N GLU A 145 21.13 -5.09 6.73
CA GLU A 145 21.78 -5.65 7.94
C GLU A 145 21.15 -5.13 9.23
N HIS A 146 20.95 -3.81 9.30
CA HIS A 146 20.37 -3.20 10.51
C HIS A 146 18.97 -3.77 10.80
N THR A 147 18.14 -3.80 9.76
CA THR A 147 16.77 -4.36 9.87
C THR A 147 16.79 -5.80 10.37
N ARG A 148 17.65 -6.62 9.78
CA ARG A 148 17.74 -8.04 10.14
C ARG A 148 18.19 -8.21 11.59
N ARG A 149 19.16 -7.40 12.02
CA ARG A 149 19.64 -7.47 13.39
C ARG A 149 18.54 -7.06 14.39
N GLU A 150 17.85 -5.96 14.09
CA GLU A 150 16.73 -5.48 14.88
C GLU A 150 15.59 -6.53 14.99
N LEU A 151 15.19 -7.09 13.85
CA LEU A 151 14.15 -8.13 13.87
C LEU A 151 14.62 -9.40 14.57
N ALA A 152 15.91 -9.73 14.43
CA ALA A 152 16.50 -10.92 15.09
C ALA A 152 16.35 -10.91 16.62
N LYS A 153 16.43 -9.73 17.23
CA LYS A 153 16.27 -9.65 18.68
C LYS A 153 14.81 -10.06 19.07
N MET A 154 13.89 -10.01 18.11
CA MET A 154 12.50 -10.44 18.35
C MET A 154 12.25 -11.89 17.87
N LYS A 155 13.34 -12.57 17.48
CA LYS A 155 13.30 -13.88 16.79
C LYS A 155 12.44 -13.77 15.54
N GLN A 156 12.54 -12.61 14.88
CA GLN A 156 11.85 -12.40 13.60
C GLN A 156 12.85 -12.11 12.48
N GLU A 157 12.31 -12.05 11.25
CA GLU A 157 13.11 -11.70 10.09
C GLU A 157 12.21 -10.91 9.13
N PRO A 158 12.78 -10.20 8.13
CA PRO A 158 11.90 -9.49 7.18
C PRO A 158 10.88 -10.46 6.57
N VAL A 159 9.71 -9.91 6.23
CA VAL A 159 8.65 -10.69 5.59
C VAL A 159 9.23 -11.35 4.33
N ARG A 160 9.03 -12.66 4.19
CA ARG A 160 9.45 -13.40 2.97
C ARG A 160 8.37 -13.18 1.90
N SER A 161 8.77 -13.10 0.64
CA SER A 161 7.79 -12.99 -0.46
C SER A 161 6.74 -14.11 -0.40
N GLU A 162 7.15 -15.33 -0.01
CA GLU A 162 6.18 -16.44 0.10
C GLU A 162 5.11 -16.12 1.14
N GLU A 163 5.50 -15.44 2.22
CA GLU A 163 4.54 -15.05 3.26
C GLU A 163 3.58 -13.98 2.76
N GLY A 164 4.13 -13.03 1.99
CA GLY A 164 3.32 -12.03 1.31
C GLY A 164 2.27 -12.69 0.41
N ARG A 165 2.72 -13.62 -0.43
CA ARG A 165 1.84 -14.33 -1.35
C ARG A 165 0.77 -15.13 -0.62
N ASP A 166 1.17 -15.82 0.44
CA ASP A 166 0.23 -16.62 1.22
CA ASP A 166 0.25 -16.62 1.27
C ASP A 166 -0.87 -15.74 1.82
N MET A 167 -0.49 -14.57 2.35
CA MET A 167 -1.46 -13.64 2.91
C MET A 167 -2.44 -13.13 1.85
N ALA A 168 -1.91 -12.80 0.66
CA ALA A 168 -2.72 -12.34 -0.47
C ALA A 168 -3.77 -13.42 -0.82
N ASN A 169 -3.32 -14.68 -0.83
CA ASN A 169 -4.23 -15.79 -1.09
C ASN A 169 -5.33 -15.87 -0.04
N ARG A 170 -4.92 -15.79 1.23
CA ARG A 170 -5.79 -15.87 2.39
C ARG A 170 -6.89 -14.79 2.40
N ILE A 171 -6.55 -13.57 1.97
CA ILE A 171 -7.55 -12.47 1.99
C ILE A 171 -8.25 -12.31 0.63
N SER A 172 -7.93 -13.19 -0.30
CA SER A 172 -8.43 -13.12 -1.70
C SER A 172 -8.12 -11.79 -2.33
N ALA A 173 -6.88 -11.33 -2.16
CA ALA A 173 -6.43 -10.14 -2.87
C ALA A 173 -6.48 -10.43 -4.38
N PHE A 174 -6.62 -9.36 -5.15
CA PHE A 174 -6.49 -9.38 -6.60
C PHE A 174 -5.06 -9.81 -7.01
N GLY A 175 -4.08 -9.43 -6.21
CA GLY A 175 -2.65 -9.63 -6.54
C GLY A 175 -1.79 -9.25 -5.33
N TYR A 176 -0.53 -9.69 -5.36
CA TYR A 176 0.45 -9.37 -4.33
C TYR A 176 1.63 -8.76 -5.05
N LEU A 177 2.07 -7.59 -4.58
CA LEU A 177 3.26 -6.96 -5.14
C LEU A 177 4.15 -6.41 -4.04
N GLU A 178 5.46 -6.35 -4.34
CA GLU A 178 6.44 -5.74 -3.46
C GLU A 178 7.07 -4.56 -4.18
N CYS A 179 7.43 -3.55 -3.39
CA CYS A 179 8.05 -2.37 -3.93
C CYS A 179 8.91 -1.69 -2.88
N SER A 180 9.74 -0.78 -3.35
CA SER A 180 10.54 0.08 -2.50
C SER A 180 10.35 1.48 -3.07
N ALA A 181 9.64 2.34 -2.35
CA ALA A 181 9.54 3.75 -2.73
C ALA A 181 10.98 4.34 -2.75
N LYS A 182 11.82 3.88 -1.85
CA LYS A 182 13.16 4.46 -1.69
C LYS A 182 14.04 4.26 -2.92
N THR A 183 14.00 3.07 -3.51
CA THR A 183 14.81 2.78 -4.69
C THR A 183 13.98 2.91 -5.99
N LYS A 184 12.68 3.11 -5.82
CA LYS A 184 11.61 3.05 -6.86
C LYS A 184 11.26 1.65 -7.41
N GLU A 185 11.94 0.61 -6.94
CA GLU A 185 11.74 -0.73 -7.49
C GLU A 185 10.29 -1.14 -7.32
N GLY A 186 9.63 -1.56 -8.41
CA GLY A 186 8.26 -2.12 -8.33
C GLY A 186 7.11 -1.13 -8.15
N VAL A 187 7.46 0.15 -7.99
CA VAL A 187 6.47 1.19 -7.76
C VAL A 187 5.44 1.30 -8.88
N ARG A 188 5.91 1.39 -10.12
CA ARG A 188 4.99 1.50 -11.26
C ARG A 188 4.02 0.31 -11.34
N GLU A 189 4.53 -0.92 -11.20
CA GLU A 189 3.65 -2.11 -11.25
C GLU A 189 2.51 -2.09 -10.22
N VAL A 190 2.77 -1.62 -9.00
CA VAL A 190 1.70 -1.44 -7.99
C VAL A 190 0.51 -0.69 -8.57
N PHE A 191 0.79 0.45 -9.20
CA PHE A 191 -0.29 1.28 -9.75
C PHE A 191 -0.88 0.71 -11.02
N GLU A 192 -0.03 0.06 -11.83
CA GLU A 192 -0.51 -0.64 -13.03
C GLU A 192 -1.49 -1.76 -12.68
N MET A 193 -1.13 -2.59 -11.70
CA MET A 193 -2.00 -3.69 -11.30
C MET A 193 -3.28 -3.16 -10.69
N ALA A 194 -3.13 -2.13 -9.84
CA ALA A 194 -4.28 -1.47 -9.19
C ALA A 194 -5.24 -0.95 -10.28
N THR A 195 -4.69 -0.34 -11.32
CA THR A 195 -5.50 0.15 -12.46
C THR A 195 -6.24 -1.00 -13.17
N ARG A 196 -5.52 -2.08 -13.47
CA ARG A 196 -6.12 -3.26 -14.12
C ARG A 196 -7.26 -3.85 -13.30
N ALA A 197 -7.04 -3.95 -11.98
CA ALA A 197 -8.11 -4.35 -11.04
C ALA A 197 -9.28 -3.36 -11.06
N GLY A 198 -8.95 -2.07 -11.03
CA GLY A 198 -9.95 -1.00 -11.01
C GLY A 198 -10.82 -1.01 -12.26
N LEU A 199 -10.21 -1.35 -13.39
CA LEU A 199 -10.87 -1.43 -14.68
C LEU A 199 -11.91 -2.54 -14.71
MG MG B . 1.23 8.78 5.55
PB GDP C . 2.98 6.05 6.17
O1B GDP C . 2.37 7.05 5.25
O2B GDP C . 2.75 6.43 7.62
O3B GDP C . 2.41 4.67 5.88
O3A GDP C . 4.57 5.99 5.88
PA GDP C . 5.53 7.16 5.27
O1A GDP C . 5.34 7.23 3.78
O2A GDP C . 5.28 8.46 6.03
O5' GDP C . 6.99 6.61 5.58
C5' GDP C . 7.31 6.19 6.92
C4' GDP C . 8.83 6.11 7.09
O4' GDP C . 9.30 5.01 6.31
C3' GDP C . 9.59 7.35 6.67
O3' GDP C . 10.67 7.47 7.61
C2' GDP C . 10.11 6.98 5.28
O2' GDP C . 11.30 7.61 4.87
C1' GDP C . 10.30 5.46 5.41
N9 GDP C . 10.07 4.81 4.11
C8 GDP C . 9.02 4.98 3.27
N7 GDP C . 9.16 4.21 2.18
C5 GDP C . 10.30 3.52 2.33
C6 GDP C . 11.06 2.53 1.54
O6 GDP C . 10.63 2.12 0.44
N1 GDP C . 12.22 2.08 2.07
C2 GDP C . 12.71 2.51 3.25
N2 GDP C . 13.87 1.99 3.69
N3 GDP C . 12.07 3.42 4.03
C4 GDP C . 10.90 3.92 3.61
C1 EDO D . 16.17 -2.35 -7.90
O1 EDO D . 15.38 -1.44 -8.69
C2 EDO D . 16.68 -1.71 -6.61
O2 EDO D . 18.05 -1.40 -6.79
C1 EDO E . 15.06 -10.63 -2.54
O1 EDO E . 13.81 -9.98 -2.34
C2 EDO E . 14.98 -11.84 -3.44
O2 EDO E . 13.65 -12.22 -3.89
C1 EDO F . 17.96 -8.01 -2.63
O1 EDO F . 16.59 -8.46 -2.69
C2 EDO F . 18.10 -6.59 -3.17
O2 EDO F . 17.15 -5.81 -2.42
C1 EDO G . -5.15 3.41 12.97
O1 EDO G . -6.48 3.81 12.64
C2 EDO G . -4.40 3.09 11.68
O2 EDO G . -3.04 2.77 11.99
C1 EDO H . -5.52 15.88 -13.25
O1 EDO H . -6.34 15.71 -14.40
C2 EDO H . -4.34 14.95 -13.47
O2 EDO H . -4.71 14.04 -14.52
#